data_1H8P
#
_entry.id   1H8P
#
_cell.length_a   90.881
_cell.length_b   90.881
_cell.length_c   52.210
_cell.angle_alpha   90.00
_cell.angle_beta   90.00
_cell.angle_gamma   120.00
#
_symmetry.space_group_name_H-M   'P 3 2 1'
#
loop_
_entity.id
_entity.type
_entity.pdbx_description
1 polymer 'SEMINAL PLASMA PROTEIN PDC-109'
2 non-polymer PHOSPHOCHOLINE
3 water water
#
_entity_poly.entity_id   1
_entity_poly.type   'polypeptide(L)'
_entity_poly.pdbx_seq_one_letter_code
;DQDEGVSTEPTQDGPAELPEDEECVFPFVYRNRKHFDCTVHGSLFPWCSLDADYVGRWKYCAQRDYAKCVFPFIYGGKKY
ETCTKIGSMWMSWCSLSPNYDKDRAWKYC
;
_entity_poly.pdbx_strand_id   A,B
#
# COMPACT_ATOMS: atom_id res chain seq x y z
N GLU A 22 0.26 -2.52 -36.73
CA GLU A 22 1.65 -2.24 -36.27
C GLU A 22 1.77 -2.55 -34.79
N GLU A 23 2.64 -1.83 -34.08
CA GLU A 23 2.83 -2.07 -32.66
C GLU A 23 2.22 -0.98 -31.77
N CYS A 24 1.78 -1.40 -30.59
CA CYS A 24 1.20 -0.47 -29.63
C CYS A 24 2.24 0.52 -29.15
N VAL A 25 1.79 1.73 -28.84
CA VAL A 25 2.67 2.75 -28.31
C VAL A 25 2.08 3.09 -26.95
N PHE A 26 2.85 2.86 -25.89
CA PHE A 26 2.41 3.14 -24.52
C PHE A 26 3.36 4.13 -23.86
N PRO A 27 2.81 5.19 -23.24
CA PRO A 27 1.38 5.46 -23.17
C PRO A 27 0.90 6.16 -24.43
N PHE A 28 -0.42 6.11 -24.67
CA PHE A 28 -0.99 6.81 -25.81
C PHE A 28 -2.18 7.61 -25.29
N VAL A 29 -2.45 8.74 -25.92
CA VAL A 29 -3.56 9.59 -25.51
C VAL A 29 -4.72 9.44 -26.49
N TYR A 30 -5.89 9.15 -25.94
CA TYR A 30 -7.10 8.98 -26.74
C TYR A 30 -8.24 9.68 -26.01
N ARG A 31 -8.91 10.59 -26.71
CA ARG A 31 -10.02 11.35 -26.14
C ARG A 31 -9.75 11.82 -24.71
N ASN A 32 -8.68 12.59 -24.56
CA ASN A 32 -8.28 13.16 -23.28
C ASN A 32 -7.84 12.20 -22.19
N ARG A 33 -7.69 10.92 -22.51
CA ARG A 33 -7.26 9.95 -21.52
C ARG A 33 -5.91 9.35 -21.88
N LYS A 34 -5.05 9.19 -20.89
CA LYS A 34 -3.74 8.60 -21.11
C LYS A 34 -3.84 7.11 -20.80
N HIS A 35 -3.46 6.28 -21.75
CA HIS A 35 -3.52 4.83 -21.59
C HIS A 35 -2.13 4.23 -21.63
N PHE A 36 -1.78 3.46 -20.60
CA PHE A 36 -0.47 2.82 -20.54
C PHE A 36 -0.56 1.34 -20.88
N ASP A 37 -1.73 0.92 -21.34
CA ASP A 37 -1.94 -0.48 -21.69
C ASP A 37 -3.11 -0.56 -22.66
N CYS A 38 -3.38 -1.75 -23.16
CA CYS A 38 -4.52 -1.92 -24.05
C CYS A 38 -5.74 -1.50 -23.26
N THR A 39 -6.73 -0.93 -23.94
CA THR A 39 -7.91 -0.42 -23.24
C THR A 39 -9.23 -0.76 -23.93
N VAL A 40 -10.33 -0.67 -23.18
CA VAL A 40 -11.65 -0.92 -23.72
C VAL A 40 -12.36 0.44 -23.85
N HIS A 41 -11.58 1.50 -23.69
CA HIS A 41 -12.07 2.86 -23.80
C HIS A 41 -12.65 3.03 -25.21
N GLY A 42 -13.96 3.23 -25.29
CA GLY A 42 -14.58 3.40 -26.59
C GLY A 42 -14.74 2.12 -27.39
N SER A 43 -14.79 0.97 -26.72
CA SER A 43 -14.95 -0.30 -27.42
C SER A 43 -15.29 -1.45 -26.49
N LEU A 44 -15.57 -2.62 -27.08
CA LEU A 44 -15.91 -3.80 -26.31
C LEU A 44 -14.69 -4.67 -26.11
N PHE A 45 -13.81 -4.69 -27.10
CA PHE A 45 -12.58 -5.49 -27.04
C PHE A 45 -11.37 -4.58 -26.86
N PRO A 46 -10.40 -4.99 -26.03
CA PRO A 46 -9.20 -4.19 -25.78
C PRO A 46 -8.41 -3.84 -27.04
N TRP A 47 -7.99 -2.59 -27.13
CA TRP A 47 -7.23 -2.11 -28.27
C TRP A 47 -6.11 -1.17 -27.82
N CYS A 48 -5.29 -0.75 -28.76
CA CYS A 48 -4.21 0.17 -28.45
C CYS A 48 -3.92 1.04 -29.67
N SER A 49 -3.43 2.25 -29.42
CA SER A 49 -3.09 3.16 -30.51
C SER A 49 -1.71 2.81 -31.02
N LEU A 50 -1.48 3.04 -32.31
CA LEU A 50 -0.18 2.77 -32.90
C LEU A 50 0.67 4.04 -32.84
N ASP A 51 0.11 5.10 -32.24
CA ASP A 51 0.81 6.37 -32.09
C ASP A 51 0.57 6.93 -30.69
N ALA A 52 1.58 7.61 -30.15
CA ALA A 52 1.49 8.20 -28.81
C ALA A 52 0.26 9.09 -28.74
N ASP A 53 0.03 9.84 -29.81
CA ASP A 53 -1.14 10.70 -29.89
C ASP A 53 -2.04 10.05 -30.92
N TYR A 54 -3.20 9.57 -30.49
CA TYR A 54 -4.12 8.90 -31.40
C TYR A 54 -4.49 9.74 -32.61
N VAL A 55 -4.23 9.20 -33.81
CA VAL A 55 -4.54 9.87 -35.06
C VAL A 55 -5.23 8.91 -36.03
N GLY A 56 -5.97 7.95 -35.50
CA GLY A 56 -6.67 7.01 -36.34
C GLY A 56 -6.04 5.64 -36.55
N ARG A 57 -4.77 5.49 -36.14
CA ARG A 57 -4.10 4.21 -36.30
C ARG A 57 -4.20 3.42 -35.00
N TRP A 58 -4.78 2.23 -35.09
CA TRP A 58 -4.94 1.40 -33.90
C TRP A 58 -5.16 -0.05 -34.29
N LYS A 59 -5.19 -0.91 -33.29
CA LYS A 59 -5.43 -2.33 -33.53
C LYS A 59 -5.95 -2.97 -32.26
N TYR A 60 -6.64 -4.10 -32.43
CA TYR A 60 -7.15 -4.84 -31.30
C TYR A 60 -5.96 -5.59 -30.73
N CYS A 61 -5.93 -5.69 -29.40
CA CYS A 61 -4.82 -6.36 -28.75
C CYS A 61 -4.91 -7.86 -28.59
N ALA A 62 -3.82 -8.52 -28.96
CA ALA A 62 -3.69 -9.96 -28.81
C ALA A 62 -2.90 -10.04 -27.51
N GLN A 63 -2.69 -11.24 -26.98
CA GLN A 63 -1.96 -11.41 -25.73
C GLN A 63 -0.61 -10.69 -25.68
N ARG A 64 0.15 -10.77 -26.77
CA ARG A 64 1.48 -10.16 -26.81
C ARG A 64 1.49 -8.63 -26.83
N ASP A 65 0.36 -8.03 -27.18
CA ASP A 65 0.26 -6.58 -27.27
C ASP A 65 0.15 -5.84 -25.95
N TYR A 66 -0.29 -6.53 -24.91
CA TYR A 66 -0.44 -5.90 -23.61
C TYR A 66 0.87 -5.39 -23.05
N ALA A 67 0.81 -4.26 -22.35
CA ALA A 67 1.99 -3.66 -21.77
C ALA A 67 2.69 -4.60 -20.81
N LYS A 68 4.02 -4.47 -20.74
CA LYS A 68 4.84 -5.27 -19.85
C LYS A 68 5.25 -4.40 -18.67
N CYS A 69 5.67 -5.05 -17.59
CA CYS A 69 6.11 -4.35 -16.40
C CYS A 69 7.26 -3.40 -16.73
N VAL A 70 7.33 -2.30 -16.01
CA VAL A 70 8.38 -1.33 -16.18
C VAL A 70 9.21 -1.34 -14.91
N PHE A 71 10.47 -1.76 -15.01
CA PHE A 71 11.36 -1.82 -13.86
C PHE A 71 12.58 -0.95 -14.14
N PRO A 72 13.02 -0.17 -13.14
CA PRO A 72 12.39 -0.12 -11.82
C PRO A 72 11.25 0.89 -11.84
N PHE A 73 10.43 0.90 -10.80
CA PHE A 73 9.35 1.86 -10.75
C PHE A 73 9.25 2.44 -9.34
N ILE A 74 8.78 3.67 -9.27
CA ILE A 74 8.63 4.35 -7.99
C ILE A 74 7.22 4.13 -7.46
N TYR A 75 7.13 3.65 -6.23
CA TYR A 75 5.85 3.38 -5.58
C TYR A 75 6.00 3.74 -4.12
N GLY A 76 5.17 4.66 -3.64
CA GLY A 76 5.26 5.07 -2.26
C GLY A 76 6.60 5.73 -2.00
N GLY A 77 7.14 6.36 -3.04
CA GLY A 77 8.41 7.05 -2.93
C GLY A 77 9.63 6.13 -2.84
N LYS A 78 9.41 4.84 -3.06
CA LYS A 78 10.48 3.86 -3.02
C LYS A 78 10.67 3.22 -4.38
N LYS A 79 11.89 2.74 -4.62
CA LYS A 79 12.24 2.10 -5.89
C LYS A 79 12.01 0.59 -5.85
N TYR A 80 11.21 0.10 -6.79
CA TYR A 80 10.93 -1.33 -6.86
C TYR A 80 11.54 -1.93 -8.12
N GLU A 81 12.25 -3.04 -7.96
CA GLU A 81 12.92 -3.71 -9.08
C GLU A 81 12.16 -4.95 -9.54
N THR A 82 11.13 -5.34 -8.80
CA THR A 82 10.35 -6.51 -9.14
C THR A 82 8.90 -6.25 -8.79
N CYS A 83 8.05 -7.23 -9.07
CA CYS A 83 6.63 -7.11 -8.75
C CYS A 83 6.55 -7.12 -7.23
N THR A 84 5.45 -6.59 -6.69
CA THR A 84 5.29 -6.57 -5.24
C THR A 84 3.84 -6.84 -4.87
N LYS A 85 3.63 -7.47 -3.71
CA LYS A 85 2.30 -7.76 -3.22
C LYS A 85 1.85 -6.56 -2.37
N ILE A 86 2.82 -5.71 -2.01
CA ILE A 86 2.52 -4.53 -1.20
C ILE A 86 1.50 -3.64 -1.90
N GLY A 87 0.46 -3.24 -1.18
CA GLY A 87 -0.54 -2.36 -1.75
C GLY A 87 -1.68 -3.05 -2.48
N SER A 88 -1.60 -4.36 -2.66
CA SER A 88 -2.66 -5.09 -3.35
C SER A 88 -3.44 -6.01 -2.44
N MET A 89 -4.75 -6.02 -2.62
CA MET A 89 -5.62 -6.87 -1.82
C MET A 89 -5.58 -8.31 -2.31
N TRP A 90 -5.04 -8.55 -3.50
CA TRP A 90 -5.06 -9.90 -4.05
C TRP A 90 -3.81 -10.52 -4.65
N MET A 91 -3.08 -9.75 -5.45
CA MET A 91 -1.96 -10.32 -6.18
C MET A 91 -0.78 -9.37 -6.37
N SER A 92 0.39 -9.95 -6.61
CA SER A 92 1.58 -9.16 -6.86
C SER A 92 1.34 -8.37 -8.12
N TRP A 93 1.88 -7.15 -8.18
CA TRP A 93 1.69 -6.29 -9.34
C TRP A 93 2.94 -5.48 -9.64
N CYS A 94 2.90 -4.77 -10.77
CA CYS A 94 4.01 -3.94 -11.18
C CYS A 94 3.47 -2.72 -11.90
N SER A 95 4.26 -1.66 -11.92
CA SER A 95 3.87 -0.43 -12.58
C SER A 95 4.09 -0.55 -14.09
N LEU A 96 3.29 0.20 -14.86
CA LEU A 96 3.40 0.21 -16.30
C LEU A 96 4.12 1.49 -16.76
N SER A 97 4.80 2.13 -15.80
CA SER A 97 5.57 3.34 -16.09
C SER A 97 6.64 3.44 -15.01
N PRO A 98 7.69 4.25 -15.26
CA PRO A 98 8.76 4.39 -14.26
C PRO A 98 8.32 5.00 -12.93
N ASN A 99 7.17 5.65 -12.92
CA ASN A 99 6.69 6.29 -11.69
C ASN A 99 5.22 6.02 -11.46
N TYR A 100 4.93 5.00 -10.67
CA TYR A 100 3.55 4.63 -10.36
C TYR A 100 2.85 5.73 -9.56
N ASP A 101 3.55 6.32 -8.61
CA ASP A 101 2.96 7.38 -7.81
C ASP A 101 2.37 8.47 -8.71
N LYS A 102 3.10 8.79 -9.78
CA LYS A 102 2.65 9.83 -10.71
C LYS A 102 1.59 9.36 -11.70
N ASP A 103 1.86 8.25 -12.38
CA ASP A 103 0.97 7.73 -13.40
C ASP A 103 -0.14 6.78 -12.96
N ARG A 104 0.08 6.07 -11.86
CA ARG A 104 -0.92 5.13 -11.32
C ARG A 104 -1.33 4.04 -12.31
N ALA A 105 -0.45 3.73 -13.26
CA ALA A 105 -0.72 2.70 -14.26
C ALA A 105 -0.05 1.40 -13.79
N TRP A 106 -0.77 0.28 -13.86
CA TRP A 106 -0.23 -0.98 -13.39
C TRP A 106 -0.92 -2.19 -14.00
N LYS A 107 -0.40 -3.37 -13.65
CA LYS A 107 -0.96 -4.63 -14.09
C LYS A 107 -0.54 -5.68 -13.08
N TYR A 108 -1.27 -6.79 -13.01
CA TYR A 108 -0.87 -7.84 -12.08
C TYR A 108 0.24 -8.64 -12.74
N CYS A 109 1.03 -9.32 -11.92
CA CYS A 109 2.12 -10.14 -12.42
C CYS A 109 1.75 -11.62 -12.37
N GLU B 22 7.60 -5.34 3.22
CA GLU B 22 8.49 -4.73 4.26
C GLU B 22 7.83 -4.73 5.63
N GLU B 23 8.49 -4.10 6.59
CA GLU B 23 7.99 -4.05 7.96
C GLU B 23 6.97 -2.95 8.18
N CYS B 24 6.08 -3.21 9.14
CA CYS B 24 5.06 -2.23 9.50
C CYS B 24 5.78 -1.11 10.22
N VAL B 25 5.21 0.08 10.13
CA VAL B 25 5.79 1.24 10.82
C VAL B 25 4.73 1.70 11.82
N PHE B 26 5.06 1.61 13.10
CA PHE B 26 4.13 2.04 14.15
C PHE B 26 4.78 3.16 14.95
N PRO B 27 4.07 4.27 15.14
CA PRO B 27 2.71 4.45 14.64
C PRO B 27 2.72 4.97 13.21
N PHE B 28 1.60 4.80 12.52
CA PHE B 28 1.49 5.33 11.16
C PHE B 28 0.19 6.11 11.12
N VAL B 29 0.15 7.12 10.27
CA VAL B 29 -1.05 7.93 10.14
C VAL B 29 -1.70 7.63 8.80
N TYR B 30 -2.99 7.29 8.85
CA TYR B 30 -3.78 6.97 7.68
C TYR B 30 -5.07 7.77 7.76
N ARG B 31 -5.28 8.66 6.79
CA ARG B 31 -6.47 9.50 6.76
C ARG B 31 -6.61 10.24 8.08
N ASN B 32 -5.50 10.84 8.52
CA ASN B 32 -5.46 11.60 9.76
C ASN B 32 -5.74 10.84 11.05
N ARG B 33 -5.73 9.52 10.98
CA ARG B 33 -5.95 8.69 12.16
C ARG B 33 -4.62 8.01 12.48
N LYS B 34 -4.20 8.08 13.73
CA LYS B 34 -2.92 7.49 14.12
C LYS B 34 -3.11 6.06 14.62
N HIS B 35 -2.36 5.13 14.04
CA HIS B 35 -2.44 3.72 14.40
C HIS B 35 -1.13 3.20 14.97
N PHE B 36 -1.21 2.53 16.12
CA PHE B 36 -0.04 1.96 16.75
C PHE B 36 0.00 0.45 16.59
N ASP B 37 -0.88 -0.07 15.75
CA ASP B 37 -0.94 -1.51 15.53
C ASP B 37 -1.64 -1.73 14.21
N CYS B 38 -1.71 -2.98 13.78
CA CYS B 38 -2.42 -3.30 12.55
C CYS B 38 -3.87 -2.93 12.83
N THR B 39 -4.58 -2.51 11.79
CA THR B 39 -5.96 -2.08 11.97
C THR B 39 -6.89 -2.64 10.91
N VAL B 40 -8.18 -2.70 11.21
CA VAL B 40 -9.16 -3.17 10.22
C VAL B 40 -9.86 -1.94 9.64
N HIS B 41 -9.37 -0.76 10.02
CA HIS B 41 -9.89 0.50 9.52
C HIS B 41 -9.94 0.42 8.00
N GLY B 42 -11.13 0.56 7.43
CA GLY B 42 -11.29 0.49 5.98
C GLY B 42 -10.88 -0.84 5.36
N SER B 43 -10.92 -1.91 6.14
CA SER B 43 -10.52 -3.22 5.62
C SER B 43 -11.29 -4.38 6.27
N LEU B 44 -11.26 -5.52 5.59
CA LEU B 44 -11.90 -6.73 6.09
C LEU B 44 -10.87 -7.55 6.83
N PHE B 45 -9.60 -7.15 6.72
CA PHE B 45 -8.53 -7.87 7.38
C PHE B 45 -7.47 -6.89 7.89
N PRO B 46 -6.88 -7.19 9.06
CA PRO B 46 -5.85 -6.31 9.65
C PRO B 46 -4.71 -5.98 8.69
N TRP B 47 -4.36 -4.70 8.64
CA TRP B 47 -3.28 -4.26 7.76
C TRP B 47 -2.46 -3.16 8.43
N CYS B 48 -1.29 -2.88 7.85
CA CYS B 48 -0.45 -1.84 8.40
C CYS B 48 0.25 -1.10 7.27
N SER B 49 0.63 0.15 7.53
CA SER B 49 1.33 0.94 6.54
C SER B 49 2.81 0.66 6.66
N LEU B 50 3.54 0.73 5.55
CA LEU B 50 4.98 0.52 5.58
C LEU B 50 5.68 1.86 5.78
N ASP B 51 4.91 2.93 5.93
CA ASP B 51 5.45 4.28 6.15
C ASP B 51 4.68 4.99 7.24
N ALA B 52 5.40 5.73 8.09
CA ALA B 52 4.77 6.47 9.18
C ALA B 52 3.66 7.36 8.62
N ASP B 53 3.95 8.00 7.50
CA ASP B 53 2.98 8.85 6.83
C ASP B 53 2.55 8.03 5.62
N TYR B 54 1.34 7.50 5.68
CA TYR B 54 0.82 6.66 4.61
C TYR B 54 0.92 7.28 3.22
N VAL B 55 1.55 6.55 2.30
CA VAL B 55 1.71 7.01 0.93
C VAL B 55 1.35 5.88 -0.04
N GLY B 56 0.41 5.03 0.37
CA GLY B 56 -0.04 3.95 -0.50
C GLY B 56 0.58 2.59 -0.30
N ARG B 57 1.59 2.48 0.57
CA ARG B 57 2.23 1.19 0.81
C ARG B 57 1.68 0.56 2.08
N TRP B 58 1.12 -0.63 1.94
CA TRP B 58 0.56 -1.34 3.08
C TRP B 58 0.54 -2.83 2.78
N LYS B 59 0.31 -3.62 3.82
CA LYS B 59 0.23 -5.07 3.65
C LYS B 59 -0.68 -5.61 4.75
N TYR B 60 -1.21 -6.81 4.51
CA TYR B 60 -2.03 -7.46 5.51
C TYR B 60 -1.05 -7.96 6.56
N CYS B 61 -1.48 -7.97 7.81
CA CYS B 61 -0.60 -8.39 8.89
C CYS B 61 -0.57 -9.87 9.22
N ALA B 62 0.64 -10.38 9.37
CA ALA B 62 0.88 -11.75 9.78
C ALA B 62 1.07 -11.63 11.28
N GLN B 63 1.12 -12.76 11.99
CA GLN B 63 1.27 -12.72 13.44
C GLN B 63 2.46 -11.86 13.90
N ARG B 64 3.58 -11.99 13.22
CA ARG B 64 4.78 -11.24 13.59
C ARG B 64 4.66 -9.73 13.38
N ASP B 65 3.71 -9.32 12.54
CA ASP B 65 3.52 -7.90 12.24
C ASP B 65 2.77 -7.10 13.29
N TYR B 66 1.93 -7.76 14.08
CA TYR B 66 1.17 -7.02 15.10
C TYR B 66 2.11 -6.33 16.08
N ALA B 67 1.66 -5.18 16.58
CA ALA B 67 2.46 -4.41 17.51
C ALA B 67 2.77 -5.19 18.77
N LYS B 68 4.03 -5.13 19.20
CA LYS B 68 4.43 -5.80 20.41
C LYS B 68 4.50 -4.78 21.52
N CYS B 69 4.44 -5.26 22.77
CA CYS B 69 4.51 -4.37 23.92
C CYS B 69 5.73 -3.48 23.79
N VAL B 70 5.58 -2.24 24.25
CA VAL B 70 6.68 -1.30 24.23
C VAL B 70 7.17 -1.11 25.66
N PHE B 71 8.40 -1.52 25.93
CA PHE B 71 8.98 -1.39 27.25
C PHE B 71 10.25 -0.56 27.14
N PRO B 72 10.43 0.41 28.05
CA PRO B 72 9.49 0.74 29.11
C PRO B 72 8.37 1.64 28.61
N PHE B 73 7.27 1.70 29.36
CA PHE B 73 6.19 2.60 28.97
C PHE B 73 5.72 3.39 30.19
N ILE B 74 5.23 4.59 29.93
CA ILE B 74 4.75 5.47 30.99
C ILE B 74 3.24 5.40 31.10
N TYR B 75 2.76 5.17 32.32
CA TYR B 75 1.34 5.11 32.61
C TYR B 75 1.15 5.75 33.98
N GLY B 76 0.27 6.75 34.06
CA GLY B 76 0.03 7.43 35.31
C GLY B 76 1.29 8.11 35.82
N GLY B 77 2.17 8.48 34.89
CA GLY B 77 3.41 9.13 35.24
C GLY B 77 4.48 8.20 35.79
N LYS B 78 4.20 6.90 35.78
CA LYS B 78 5.16 5.91 36.27
C LYS B 78 5.68 5.06 35.12
N LYS B 79 6.90 4.57 35.26
CA LYS B 79 7.53 3.73 34.24
C LYS B 79 7.27 2.25 34.50
N TYR B 80 6.85 1.53 33.46
CA TYR B 80 6.61 0.10 33.57
C TYR B 80 7.54 -0.67 32.64
N GLU B 81 8.14 -1.73 33.18
CA GLU B 81 9.08 -2.56 32.42
C GLU B 81 8.48 -3.89 31.99
N THR B 82 7.30 -4.21 32.50
CA THR B 82 6.62 -5.45 32.15
C THR B 82 5.12 -5.19 32.03
N CYS B 83 4.37 -6.22 31.67
CA CYS B 83 2.93 -6.08 31.58
C CYS B 83 2.49 -5.84 33.01
N THR B 84 1.43 -5.08 33.19
CA THR B 84 0.98 -4.76 34.54
C THR B 84 -0.53 -4.86 34.69
N LYS B 85 -0.98 -5.03 35.93
CA LYS B 85 -2.41 -5.10 36.19
C LYS B 85 -2.83 -3.76 36.80
N ILE B 86 -1.85 -2.91 37.06
CA ILE B 86 -2.12 -1.60 37.64
C ILE B 86 -3.04 -0.80 36.72
N GLY B 87 -4.13 -0.32 37.28
CA GLY B 87 -5.08 0.44 36.49
C GLY B 87 -6.04 -0.48 35.75
N SER B 88 -5.90 -1.79 35.98
CA SER B 88 -6.76 -2.78 35.33
C SER B 88 -7.35 -3.76 36.34
N MET B 89 -6.46 -4.38 37.12
CA MET B 89 -6.80 -5.35 38.16
C MET B 89 -7.57 -6.61 37.73
N TRP B 90 -7.31 -7.12 36.54
CA TRP B 90 -7.97 -8.34 36.08
C TRP B 90 -7.10 -9.10 35.08
N MET B 91 -6.66 -8.41 34.03
CA MET B 91 -5.80 -9.00 33.02
C MET B 91 -4.66 -8.01 32.79
N SER B 92 -3.43 -8.51 32.81
CA SER B 92 -2.28 -7.64 32.61
C SER B 92 -2.29 -7.07 31.20
N TRP B 93 -1.78 -5.87 31.07
CA TRP B 93 -1.75 -5.19 29.78
C TRP B 93 -0.45 -4.43 29.61
N CYS B 94 -0.21 -3.94 28.41
CA CYS B 94 1.00 -3.18 28.14
C CYS B 94 0.70 -2.09 27.13
N SER B 95 1.53 -1.05 27.12
CA SER B 95 1.35 0.05 26.19
C SER B 95 1.95 -0.32 24.84
N LEU B 96 1.43 0.28 23.78
CA LEU B 96 1.93 0.04 22.44
C LEU B 96 2.79 1.23 21.99
N SER B 97 3.15 2.07 22.96
CA SER B 97 4.01 3.21 22.70
C SER B 97 4.75 3.51 24.01
N PRO B 98 5.84 4.29 23.93
CA PRO B 98 6.62 4.64 25.12
C PRO B 98 5.84 5.43 26.17
N ASN B 99 4.80 6.12 25.73
CA ASN B 99 4.01 6.93 26.66
C ASN B 99 2.52 6.71 26.47
N TYR B 100 1.96 5.83 27.28
CA TYR B 100 0.54 5.53 27.23
C TYR B 100 -0.32 6.73 27.62
N ASP B 101 0.15 7.50 28.60
CA ASP B 101 -0.60 8.67 29.04
C ASP B 101 -0.90 9.55 27.83
N LYS B 102 0.08 9.68 26.96
CA LYS B 102 -0.06 10.50 25.76
C LYS B 102 -0.84 9.83 24.62
N ASP B 103 -0.40 8.63 24.24
CA ASP B 103 -0.99 7.88 23.13
C ASP B 103 -2.20 7.00 23.42
N ARG B 104 -2.29 6.49 24.65
CA ARG B 104 -3.40 5.64 25.07
C ARG B 104 -3.55 4.38 24.22
N ALA B 105 -2.47 3.92 23.60
CA ALA B 105 -2.51 2.72 22.77
C ALA B 105 -2.06 1.56 23.65
N TRP B 106 -2.83 0.48 23.64
CA TRP B 106 -2.48 -0.66 24.49
C TRP B 106 -3.10 -1.97 24.03
N LYS B 107 -2.66 -3.05 24.68
CA LYS B 107 -3.20 -4.36 24.39
C LYS B 107 -3.03 -5.24 25.62
N TYR B 108 -3.89 -6.24 25.75
CA TYR B 108 -3.78 -7.17 26.86
C TYR B 108 -2.60 -8.07 26.51
N CYS B 109 -1.91 -8.56 27.53
CA CYS B 109 -0.75 -9.42 27.29
C CYS B 109 -1.12 -10.90 27.25
#